data_5N4N
#
_entry.id   5N4N
#
_cell.length_a   98.517
_cell.length_b   98.517
_cell.length_c   80.319
_cell.angle_alpha   90.00
_cell.angle_beta   90.00
_cell.angle_gamma   120.00
#
_symmetry.space_group_name_H-M   'P 65'
#
loop_
_entity.id
_entity.type
_entity.pdbx_description
1 polymer 'Serine/threonine-protein kinase pim-1'
2 polymer Pimtide
3 non-polymer 3,4-dimethyl-5-(1~{H}-1,2,4-triazol-3-yl)thiophene-2-carbonitrile
4 water water
#
loop_
_entity_poly.entity_id
_entity_poly.type
_entity_poly.pdbx_seq_one_letter_code
_entity_poly.pdbx_strand_id
1 'polypeptide(L)'
;MLLSKINSLAHLRAAPCNDLHATKLAPGKEKEPLESQYQVGPLLGSGGFGSVYSGIRVSDNLPVAIKHVEKDRISDWGEL
PNGTRVPMEVVLLKKVSSGFSGVIRLLDWFERPDSFVLILERPEPVQDLFDFITERGALQEELARSFFWQVLEAVRHCHN
CGVLHRDIKDENILIDLNRGELKLIDFGSGALLKDTVYTDFDGTRVYSPPEWIRYHRYHGRSAAVWSLGILLYDMVCGDI
PFEHDEEIIGGQVFFRQRVSSECQHLIRWCLALRPSDRPTFEEIQNHPWMQDVLLPQETAEIHLHSLSPGPSK
;
A
2 'polypeptide(L)' ARKRRRHPSGPPTA B
#
# COMPACT_ATOMS: atom_id res chain seq x y z
N PRO A 33 -11.39 -6.47 -28.53
CA PRO A 33 -11.04 -5.24 -27.80
C PRO A 33 -12.15 -4.19 -27.89
N LEU A 34 -12.59 -3.64 -26.76
CA LEU A 34 -12.15 -4.05 -25.42
C LEU A 34 -13.38 -4.24 -24.55
N GLU A 35 -14.49 -3.64 -25.00
CA GLU A 35 -15.78 -3.92 -24.39
C GLU A 35 -16.29 -5.33 -24.72
N SER A 36 -15.60 -6.05 -25.61
CA SER A 36 -15.93 -7.42 -25.94
C SER A 36 -15.10 -8.45 -25.16
N GLN A 37 -13.96 -8.05 -24.61
CA GLN A 37 -13.11 -8.97 -23.85
C GLN A 37 -13.54 -9.12 -22.40
N TYR A 38 -14.25 -8.15 -21.84
CA TYR A 38 -14.60 -8.17 -20.43
C TYR A 38 -16.07 -7.87 -20.25
N GLN A 39 -16.68 -8.51 -19.27
CA GLN A 39 -18.03 -8.20 -18.82
C GLN A 39 -17.90 -7.34 -17.57
N VAL A 40 -18.52 -6.16 -17.60
CA VAL A 40 -18.37 -5.18 -16.52
C VAL A 40 -19.47 -5.38 -15.49
N GLY A 41 -19.12 -5.28 -14.21
CA GLY A 41 -20.06 -5.47 -13.14
C GLY A 41 -20.24 -4.23 -12.29
N PRO A 42 -20.44 -4.42 -10.98
CA PRO A 42 -20.73 -3.29 -10.10
C PRO A 42 -19.51 -2.41 -9.87
N LEU A 43 -19.78 -1.12 -9.68
CA LEU A 43 -18.75 -0.20 -9.22
C LEU A 43 -18.26 -0.65 -7.85
N LEU A 44 -16.95 -0.84 -7.72
CA LEU A 44 -16.39 -1.21 -6.42
C LEU A 44 -16.12 0.02 -5.56
N GLY A 45 -15.54 1.07 -6.13
CA GLY A 45 -15.28 2.29 -5.38
C GLY A 45 -14.70 3.36 -6.29
N SER A 46 -14.71 4.59 -5.79
CA SER A 46 -14.11 5.69 -6.54
C SER A 46 -13.47 6.70 -5.60
N GLY A 47 -12.54 7.47 -6.16
CA GLY A 47 -11.89 8.54 -5.42
C GLY A 47 -10.70 9.08 -6.17
N GLY A 48 -9.70 9.53 -5.41
CA GLY A 48 -8.46 10.04 -5.99
C GLY A 48 -7.79 9.09 -6.96
N PHE A 49 -8.06 7.79 -6.84
CA PHE A 49 -7.50 6.78 -7.73
C PHE A 49 -8.25 6.67 -9.05
N GLY A 50 -9.52 7.08 -9.10
CA GLY A 50 -10.38 6.88 -10.24
C GLY A 50 -11.63 6.10 -9.87
N SER A 51 -12.17 5.38 -10.85
CA SER A 51 -13.36 4.58 -10.66
C SER A 51 -13.02 3.13 -11.01
N VAL A 52 -13.37 2.21 -10.12
CA VAL A 52 -12.99 0.81 -10.25
C VAL A 52 -14.25 -0.03 -10.24
N TYR A 53 -14.40 -0.89 -11.25
CA TYR A 53 -15.55 -1.77 -11.42
C TYR A 53 -15.12 -3.22 -11.30
N SER A 54 -15.98 -4.04 -10.72
CA SER A 54 -15.81 -5.48 -10.79
C SER A 54 -16.00 -5.93 -12.24
N GLY A 55 -15.31 -7.00 -12.61
CA GLY A 55 -15.40 -7.47 -13.97
C GLY A 55 -15.01 -8.93 -14.10
N ILE A 56 -15.26 -9.46 -15.30
CA ILE A 56 -14.96 -10.85 -15.63
C ILE A 56 -14.37 -10.87 -17.03
N ARG A 57 -13.18 -11.47 -17.16
CA ARG A 57 -12.61 -11.65 -18.50
C ARG A 57 -13.37 -12.73 -19.24
N VAL A 58 -13.98 -12.36 -20.38
CA VAL A 58 -14.80 -13.30 -21.13
C VAL A 58 -13.99 -14.47 -21.64
N SER A 59 -12.68 -14.30 -21.78
CA SER A 59 -11.83 -15.38 -22.32
C SER A 59 -11.88 -16.63 -21.46
N ASP A 60 -11.89 -16.46 -20.12
CA ASP A 60 -11.81 -17.61 -19.23
C ASP A 60 -12.51 -17.39 -17.88
N ASN A 61 -13.37 -16.38 -17.76
CA ASN A 61 -14.09 -16.09 -16.52
C ASN A 61 -13.16 -15.77 -15.35
N LEU A 62 -11.97 -15.26 -15.64
CA LEU A 62 -11.10 -14.77 -14.59
C LEU A 62 -11.69 -13.49 -13.99
N PRO A 63 -11.85 -13.42 -12.67
CA PRO A 63 -12.29 -12.16 -12.06
C PRO A 63 -11.22 -11.09 -12.16
N VAL A 64 -11.63 -9.90 -12.62
CA VAL A 64 -10.73 -8.76 -12.77
C VAL A 64 -11.37 -7.55 -12.11
N ALA A 65 -10.56 -6.50 -11.94
CA ALA A 65 -11.03 -5.18 -11.57
C ALA A 65 -10.66 -4.23 -12.70
N ILE A 66 -11.61 -3.39 -13.08
CA ILE A 66 -11.47 -2.53 -14.26
C ILE A 66 -11.42 -1.09 -13.76
N LYS A 67 -10.25 -0.48 -13.85
CA LYS A 67 -9.99 0.86 -13.30
C LYS A 67 -9.89 1.88 -14.43
N HIS A 68 -10.71 2.92 -14.36
CA HIS A 68 -10.75 4.00 -15.35
C HIS A 68 -10.12 5.24 -14.75
N VAL A 69 -9.23 5.87 -15.52
CA VAL A 69 -8.62 7.13 -15.10
C VAL A 69 -8.78 8.13 -16.23
N GLU A 70 -9.28 9.33 -15.91
CA GLU A 70 -9.46 10.37 -16.90
C GLU A 70 -8.13 11.04 -17.22
N LYS A 71 -7.89 11.28 -18.52
CA LYS A 71 -6.61 11.83 -18.93
C LYS A 71 -6.36 13.20 -18.30
N ASP A 72 -7.40 14.02 -18.14
CA ASP A 72 -7.20 15.36 -17.60
C ASP A 72 -6.78 15.35 -16.14
N ARG A 73 -7.08 14.29 -15.40
CA ARG A 73 -6.73 14.20 -13.99
C ARG A 73 -5.33 13.65 -13.77
N ILE A 74 -4.63 13.23 -14.82
CA ILE A 74 -3.34 12.58 -14.68
C ILE A 74 -2.25 13.64 -14.65
N SER A 75 -1.50 13.70 -13.55
CA SER A 75 -0.45 14.69 -13.42
C SER A 75 0.91 14.17 -13.85
N ASP A 76 1.21 12.89 -13.66
CA ASP A 76 2.52 12.33 -13.91
C ASP A 76 2.45 11.34 -15.07
N TRP A 77 3.21 11.62 -16.13
CA TRP A 77 3.23 10.79 -17.33
C TRP A 77 4.59 10.13 -17.48
N GLY A 78 4.57 8.92 -18.05
CA GLY A 78 5.80 8.21 -18.36
C GLY A 78 5.77 7.65 -19.76
N GLU A 79 6.79 6.87 -20.10
CA GLU A 79 6.88 6.22 -21.40
C GLU A 79 7.15 4.74 -21.20
N LEU A 80 6.31 3.90 -21.82
CA LEU A 80 6.57 2.48 -21.82
C LEU A 80 7.86 2.20 -22.58
N PRO A 81 8.47 1.03 -22.36
CA PRO A 81 9.67 0.68 -23.14
C PRO A 81 9.53 0.93 -24.65
N ASN A 82 8.37 0.61 -25.22
CA ASN A 82 8.13 0.86 -26.64
C ASN A 82 8.13 2.34 -27.00
N GLY A 83 8.15 3.23 -26.01
CA GLY A 83 8.07 4.65 -26.25
C GLY A 83 6.68 5.24 -26.22
N THR A 84 5.65 4.44 -25.93
CA THR A 84 4.29 4.96 -25.85
C THR A 84 4.11 5.74 -24.55
N ARG A 85 3.51 6.93 -24.64
CA ARG A 85 3.34 7.84 -23.52
C ARG A 85 2.11 7.43 -22.71
N VAL A 86 2.31 6.92 -21.50
CA VAL A 86 1.21 6.41 -20.69
C VAL A 86 1.27 7.07 -19.32
N PRO A 87 0.22 6.98 -18.49
CA PRO A 87 0.35 7.45 -17.12
C PRO A 87 1.46 6.70 -16.40
N MET A 88 2.12 7.41 -15.48
CA MET A 88 3.16 6.79 -14.67
C MET A 88 2.65 5.53 -13.97
N GLU A 89 1.40 5.56 -13.53
CA GLU A 89 0.82 4.40 -12.85
C GLU A 89 0.94 3.13 -13.70
N VAL A 90 0.74 3.26 -15.02
CA VAL A 90 0.90 2.11 -15.91
C VAL A 90 2.35 1.67 -15.97
N VAL A 91 3.26 2.63 -16.13
CA VAL A 91 4.70 2.34 -16.11
C VAL A 91 5.06 1.53 -14.86
N LEU A 92 4.65 2.03 -13.69
CA LEU A 92 5.06 1.40 -12.44
C LEU A 92 4.42 0.02 -12.30
N LEU A 93 3.13 -0.11 -12.64
CA LEU A 93 2.47 -1.41 -12.53
C LEU A 93 3.14 -2.44 -13.41
N LYS A 94 3.54 -2.07 -14.63
CA LYS A 94 4.21 -3.02 -15.51
C LYS A 94 5.53 -3.48 -14.90
N LYS A 95 6.26 -2.58 -14.24
CA LYS A 95 7.53 -2.96 -13.65
C LYS A 95 7.35 -3.95 -12.49
N VAL A 96 6.23 -3.89 -11.77
CA VAL A 96 6.06 -4.80 -10.62
C VAL A 96 5.18 -6.00 -10.91
N SER A 97 4.57 -6.09 -12.11
CA SER A 97 3.53 -7.08 -12.34
C SER A 97 4.02 -8.40 -12.94
N SER A 98 5.33 -8.61 -13.05
CA SER A 98 5.80 -9.88 -13.59
C SER A 98 6.18 -10.81 -12.45
N GLY A 99 5.81 -12.08 -12.59
CA GLY A 99 5.97 -13.05 -11.51
C GLY A 99 4.92 -12.87 -10.42
N PHE A 100 4.88 -13.84 -9.51
CA PHE A 100 4.00 -13.77 -8.36
C PHE A 100 4.54 -12.76 -7.35
N SER A 101 3.63 -12.06 -6.68
CA SER A 101 4.06 -11.12 -5.65
C SER A 101 2.84 -10.71 -4.83
N GLY A 102 3.09 -9.91 -3.80
CA GLY A 102 2.04 -9.34 -2.99
C GLY A 102 1.54 -8.01 -3.52
N VAL A 103 1.56 -7.82 -4.83
CA VAL A 103 1.01 -6.64 -5.50
C VAL A 103 -0.12 -7.08 -6.41
N ILE A 104 -1.21 -6.31 -6.43
CA ILE A 104 -2.27 -6.57 -7.41
C ILE A 104 -1.72 -6.28 -8.80
N ARG A 105 -1.72 -7.29 -9.66
CA ARG A 105 -1.01 -7.24 -10.93
C ARG A 105 -1.86 -6.65 -12.05
N LEU A 106 -1.20 -5.89 -12.93
CA LEU A 106 -1.83 -5.35 -14.13
C LEU A 106 -1.82 -6.40 -15.23
N LEU A 107 -2.99 -6.78 -15.72
CA LEU A 107 -3.12 -7.81 -16.74
C LEU A 107 -3.18 -7.25 -18.14
N ASP A 108 -3.69 -6.04 -18.31
CA ASP A 108 -3.83 -5.41 -19.62
C ASP A 108 -4.19 -3.95 -19.37
N TRP A 109 -4.15 -3.15 -20.43
CA TRP A 109 -4.57 -1.77 -20.35
C TRP A 109 -4.95 -1.29 -21.74
N PHE A 110 -5.74 -0.24 -21.77
CA PHE A 110 -6.29 0.30 -23.01
C PHE A 110 -6.32 1.81 -22.91
N GLU A 111 -6.17 2.47 -24.06
CA GLU A 111 -6.33 3.90 -24.15
C GLU A 111 -7.63 4.21 -24.89
N ARG A 112 -8.42 5.09 -24.31
CA ARG A 112 -9.62 5.65 -24.90
C ARG A 112 -9.39 7.13 -25.19
N PRO A 113 -10.30 7.79 -25.92
CA PRO A 113 -10.07 9.20 -26.22
C PRO A 113 -9.81 10.07 -25.00
N ASP A 114 -10.51 9.84 -23.89
CA ASP A 114 -10.41 10.73 -22.73
C ASP A 114 -9.87 10.06 -21.48
N SER A 115 -9.48 8.79 -21.54
CA SER A 115 -9.15 8.05 -20.33
C SER A 115 -8.26 6.87 -20.68
N PHE A 116 -7.67 6.29 -19.65
CA PHE A 116 -7.02 4.99 -19.71
C PHE A 116 -7.81 4.02 -18.86
N VAL A 117 -7.91 2.78 -19.35
CA VAL A 117 -8.58 1.70 -18.62
C VAL A 117 -7.54 0.65 -18.28
N LEU A 118 -7.47 0.28 -17.00
CA LEU A 118 -6.51 -0.69 -16.49
C LEU A 118 -7.24 -1.95 -16.07
N ILE A 119 -6.76 -3.11 -16.52
CA ILE A 119 -7.33 -4.39 -16.10
C ILE A 119 -6.41 -5.00 -15.06
N LEU A 120 -6.95 -5.23 -13.87
CA LEU A 120 -6.16 -5.68 -12.72
C LEU A 120 -6.74 -6.98 -12.19
N GLU A 121 -5.90 -7.76 -11.50
CA GLU A 121 -6.39 -8.95 -10.82
C GLU A 121 -7.46 -8.58 -9.80
N ARG A 122 -8.37 -9.51 -9.54
CA ARG A 122 -9.34 -9.33 -8.46
C ARG A 122 -9.43 -10.61 -7.64
N PRO A 123 -8.73 -10.68 -6.52
CA PRO A 123 -8.91 -11.80 -5.61
C PRO A 123 -10.30 -11.79 -5.02
N GLU A 124 -10.78 -12.98 -4.67
CA GLU A 124 -12.11 -13.17 -4.07
C GLU A 124 -12.10 -14.32 -3.07
N PRO A 125 -12.68 -14.10 -1.87
CA PRO A 125 -13.27 -12.86 -1.37
C PRO A 125 -12.20 -11.93 -0.79
N VAL A 126 -12.46 -10.61 -0.72
CA VAL A 126 -11.47 -9.64 -0.25
C VAL A 126 -12.12 -8.64 0.67
N GLN A 127 -11.29 -8.02 1.50
CA GLN A 127 -11.64 -6.82 2.26
C GLN A 127 -10.38 -5.99 2.37
N ASP A 128 -10.51 -4.67 2.28
CA ASP A 128 -9.29 -3.90 2.42
C ASP A 128 -8.92 -3.80 3.89
N LEU A 129 -7.64 -3.54 4.15
CA LEU A 129 -7.16 -3.59 5.52
C LEU A 129 -7.77 -2.49 6.37
N PHE A 130 -8.12 -1.34 5.78
CA PHE A 130 -8.77 -0.29 6.56
C PHE A 130 -10.08 -0.77 7.15
N ASP A 131 -10.95 -1.36 6.32
CA ASP A 131 -12.23 -1.87 6.81
C ASP A 131 -12.04 -3.02 7.76
N PHE A 132 -11.03 -3.86 7.51
CA PHE A 132 -10.76 -4.97 8.40
C PHE A 132 -10.43 -4.48 9.80
N ILE A 133 -9.55 -3.48 9.91
CA ILE A 133 -9.17 -2.98 11.23
C ILE A 133 -10.33 -2.24 11.89
N THR A 134 -11.13 -1.52 11.09
CA THR A 134 -12.32 -0.87 11.64
C THR A 134 -13.27 -1.89 12.27
N GLU A 135 -13.49 -3.02 11.59
CA GLU A 135 -14.45 -3.96 12.12
C GLU A 135 -13.88 -4.81 13.26
N ARG A 136 -12.60 -5.15 13.22
CA ARG A 136 -12.08 -6.04 14.24
C ARG A 136 -11.36 -5.33 15.37
N GLY A 137 -11.09 -4.04 15.23
CA GLY A 137 -10.33 -3.32 16.25
C GLY A 137 -8.84 -3.61 16.09
N ALA A 138 -8.09 -3.31 17.17
CA ALA A 138 -6.66 -3.60 17.18
C ALA A 138 -6.40 -5.09 16.99
N LEU A 139 -5.45 -5.41 16.11
CA LEU A 139 -5.18 -6.81 15.77
C LEU A 139 -4.25 -7.46 16.78
N GLN A 140 -4.50 -8.73 17.08
CA GLN A 140 -3.55 -9.52 17.85
C GLN A 140 -2.16 -9.46 17.19
N GLU A 141 -1.12 -9.48 18.03
CA GLU A 141 0.23 -9.25 17.50
C GLU A 141 0.63 -10.33 16.51
N GLU A 142 0.22 -11.58 16.76
CA GLU A 142 0.50 -12.65 15.82
C GLU A 142 -0.06 -12.33 14.42
N LEU A 143 -1.27 -11.78 14.37
CA LEU A 143 -1.89 -11.42 13.10
C LEU A 143 -1.23 -10.17 12.49
N ALA A 144 -0.97 -9.15 13.32
CA ALA A 144 -0.26 -7.99 12.82
C ALA A 144 1.12 -8.36 12.29
N ARG A 145 1.81 -9.32 12.96
CA ARG A 145 3.12 -9.74 12.48
C ARG A 145 3.01 -10.38 11.10
N SER A 146 2.01 -11.23 10.90
CA SER A 146 1.87 -11.89 9.59
C SER A 146 1.57 -10.88 8.50
N PHE A 147 0.60 -9.99 8.74
CA PHE A 147 0.28 -8.95 7.77
C PHE A 147 1.48 -8.05 7.50
N PHE A 148 2.11 -7.55 8.57
CA PHE A 148 3.22 -6.62 8.39
C PHE A 148 4.38 -7.26 7.62
N TRP A 149 4.68 -8.53 7.92
CA TRP A 149 5.72 -9.25 7.19
C TRP A 149 5.41 -9.28 5.70
N GLN A 150 4.15 -9.62 5.35
CA GLN A 150 3.78 -9.67 3.94
C GLN A 150 3.85 -8.29 3.29
N VAL A 151 3.55 -7.22 4.02
CA VAL A 151 3.67 -5.90 3.42
C VAL A 151 5.13 -5.56 3.17
N LEU A 152 6.01 -5.92 4.10
CA LEU A 152 7.45 -5.72 3.87
C LEU A 152 7.94 -6.47 2.63
N GLU A 153 7.54 -7.74 2.48
CA GLU A 153 7.94 -8.49 1.28
C GLU A 153 7.43 -7.81 0.01
N ALA A 154 6.19 -7.30 0.04
CA ALA A 154 5.64 -6.64 -1.15
C ALA A 154 6.40 -5.35 -1.47
N VAL A 155 6.70 -4.56 -0.44
CA VAL A 155 7.41 -3.30 -0.65
C VAL A 155 8.84 -3.57 -1.11
N ARG A 156 9.49 -4.59 -0.54
CA ARG A 156 10.81 -5.00 -1.03
C ARG A 156 10.74 -5.37 -2.50
N HIS A 157 9.67 -6.06 -2.91
CA HIS A 157 9.53 -6.46 -4.31
C HIS A 157 9.43 -5.24 -5.20
N CYS A 158 8.64 -4.23 -4.78
CA CYS A 158 8.54 -3.01 -5.57
C CYS A 158 9.90 -2.33 -5.70
N HIS A 159 10.61 -2.18 -4.58
CA HIS A 159 11.91 -1.51 -4.64
C HIS A 159 12.89 -2.28 -5.50
N ASN A 160 12.87 -3.63 -5.44
CA ASN A 160 13.71 -4.45 -6.31
C ASN A 160 13.41 -4.19 -7.79
N CYS A 161 12.17 -3.85 -8.10
CA CYS A 161 11.76 -3.56 -9.48
C CYS A 161 11.96 -2.09 -9.88
N GLY A 162 12.53 -1.25 -9.02
CA GLY A 162 12.75 0.15 -9.35
C GLY A 162 11.57 1.05 -9.06
N VAL A 163 10.64 0.63 -8.22
CA VAL A 163 9.36 1.30 -8.04
C VAL A 163 9.19 1.70 -6.57
N LEU A 164 8.85 2.96 -6.34
CA LEU A 164 8.52 3.49 -5.02
C LEU A 164 7.03 3.76 -4.98
N HIS A 165 6.33 3.15 -4.02
CA HIS A 165 4.86 3.25 -4.00
C HIS A 165 4.39 4.63 -3.53
N ARG A 166 4.98 5.16 -2.47
CA ARG A 166 4.71 6.48 -1.90
C ARG A 166 3.31 6.65 -1.32
N ASP A 167 2.54 5.59 -1.16
CA ASP A 167 1.24 5.76 -0.50
C ASP A 167 0.86 4.48 0.23
N ILE A 168 1.82 3.91 0.95
CA ILE A 168 1.56 2.73 1.78
C ILE A 168 0.62 3.13 2.91
N LYS A 169 -0.53 2.48 3.00
CA LYS A 169 -1.47 2.71 4.09
C LYS A 169 -2.48 1.57 4.07
N ASP A 170 -3.26 1.44 5.15
CA ASP A 170 -4.18 0.32 5.23
C ASP A 170 -5.24 0.38 4.13
N GLU A 171 -5.63 1.58 3.71
CA GLU A 171 -6.59 1.70 2.62
C GLU A 171 -6.06 1.13 1.30
N ASN A 172 -4.74 1.04 1.13
CA ASN A 172 -4.17 0.54 -0.13
C ASN A 172 -3.66 -0.89 -0.03
N ILE A 173 -4.25 -1.68 0.87
CA ILE A 173 -3.89 -3.07 1.06
C ILE A 173 -5.16 -3.91 1.07
N LEU A 174 -5.23 -4.90 0.16
CA LEU A 174 -6.34 -5.83 0.15
C LEU A 174 -5.92 -7.14 0.81
N ILE A 175 -6.86 -7.74 1.56
CA ILE A 175 -6.67 -9.04 2.20
C ILE A 175 -7.45 -10.09 1.42
N ASP A 176 -6.76 -11.08 0.86
CA ASP A 176 -7.45 -12.26 0.34
C ASP A 176 -7.82 -13.12 1.54
N LEU A 177 -9.12 -13.17 1.84
CA LEU A 177 -9.57 -13.78 3.09
C LEU A 177 -9.47 -15.29 3.07
N ASN A 178 -9.51 -15.91 1.90
CA ASN A 178 -9.39 -17.37 1.87
C ASN A 178 -7.92 -17.82 1.89
N ARG A 179 -7.05 -17.08 1.22
CA ARG A 179 -5.64 -17.49 1.14
C ARG A 179 -4.77 -16.83 2.20
N GLY A 180 -5.28 -15.82 2.90
CA GLY A 180 -4.47 -15.13 3.89
C GLY A 180 -3.33 -14.31 3.29
N GLU A 181 -3.49 -13.87 2.04
CA GLU A 181 -2.46 -13.10 1.35
C GLU A 181 -2.88 -11.64 1.23
N LEU A 182 -1.93 -10.73 1.47
CA LEU A 182 -2.12 -9.30 1.32
C LEU A 182 -1.59 -8.82 -0.03
N LYS A 183 -2.29 -7.86 -0.64
CA LYS A 183 -1.98 -7.34 -1.97
C LYS A 183 -1.98 -5.81 -1.97
N LEU A 184 -0.89 -5.20 -2.43
CA LEU A 184 -0.78 -3.75 -2.54
C LEU A 184 -1.53 -3.22 -3.75
N ILE A 185 -2.23 -2.09 -3.58
CA ILE A 185 -2.94 -1.44 -4.70
C ILE A 185 -2.57 0.04 -4.79
N ASP A 186 -3.02 0.63 -5.89
CA ASP A 186 -3.04 2.06 -6.15
C ASP A 186 -1.66 2.70 -6.18
N PHE A 187 -0.96 2.53 -7.32
CA PHE A 187 0.34 3.11 -7.57
C PHE A 187 0.25 4.51 -8.19
N GLY A 188 -0.91 5.15 -8.10
CA GLY A 188 -1.12 6.45 -8.73
C GLY A 188 -0.34 7.60 -8.11
N SER A 189 0.27 7.42 -6.95
CA SER A 189 1.13 8.44 -6.36
C SER A 189 2.60 8.05 -6.40
N GLY A 190 2.94 6.92 -7.04
CA GLY A 190 4.27 6.37 -6.96
C GLY A 190 5.27 7.06 -7.87
N ALA A 191 6.49 6.52 -7.88
CA ALA A 191 7.54 7.07 -8.71
C ALA A 191 8.57 6.00 -8.97
N LEU A 192 9.39 6.20 -10.00
CA LEU A 192 10.60 5.41 -10.13
C LEU A 192 11.45 5.64 -8.89
N LEU A 193 12.06 4.58 -8.38
CA LEU A 193 12.93 4.71 -7.22
C LEU A 193 14.25 5.36 -7.64
N LYS A 194 14.71 6.35 -6.85
CA LYS A 194 16.00 6.98 -7.06
C LYS A 194 16.71 7.14 -5.73
N ASP A 195 18.00 7.44 -5.78
CA ASP A 195 18.80 7.67 -4.59
C ASP A 195 18.94 9.16 -4.26
N THR A 196 18.41 10.04 -5.10
CA THR A 196 18.48 11.47 -4.85
C THR A 196 17.20 11.92 -4.14
N VAL A 197 17.13 13.19 -3.79
CA VAL A 197 16.02 13.65 -2.95
C VAL A 197 14.76 13.80 -3.78
N TYR A 198 13.62 13.48 -3.19
CA TYR A 198 12.30 13.81 -3.73
C TYR A 198 11.82 15.13 -3.14
N THR A 199 11.28 16.01 -4.00
CA THR A 199 10.72 17.27 -3.57
C THR A 199 9.24 17.43 -3.91
N ASP A 200 8.62 16.41 -4.51
CA ASP A 200 7.20 16.35 -4.79
C ASP A 200 6.60 15.20 -3.98
N PHE A 201 5.33 15.34 -3.59
CA PHE A 201 4.63 14.27 -2.88
C PHE A 201 3.13 14.45 -3.03
N ASP A 202 2.43 13.38 -3.36
CA ASP A 202 0.97 13.41 -3.52
C ASP A 202 0.30 12.22 -2.82
N GLY A 203 1.00 11.56 -1.90
CA GLY A 203 0.42 10.50 -1.10
C GLY A 203 -0.42 11.04 0.05
N THR A 204 -0.54 10.26 1.12
CA THR A 204 -1.40 10.59 2.24
C THR A 204 -0.59 11.29 3.33
N ARG A 205 -1.00 12.50 3.70
CA ARG A 205 -0.18 13.33 4.58
C ARG A 205 0.03 12.71 5.95
N VAL A 206 -1.00 12.07 6.53
CA VAL A 206 -0.86 11.52 7.88
C VAL A 206 0.07 10.31 7.90
N TYR A 207 0.42 9.76 6.74
CA TYR A 207 1.47 8.74 6.64
C TYR A 207 2.78 9.32 6.15
N SER A 208 2.86 10.62 5.91
CA SER A 208 4.07 11.19 5.35
C SER A 208 5.04 11.56 6.48
N PRO A 209 6.33 11.62 6.20
CA PRO A 209 7.32 11.73 7.28
C PRO A 209 7.57 13.17 7.67
N PRO A 210 8.13 13.41 8.86
CA PRO A 210 8.32 14.78 9.32
C PRO A 210 9.22 15.62 8.41
N GLU A 211 10.19 15.01 7.72
CA GLU A 211 11.03 15.81 6.85
C GLU A 211 10.25 16.32 5.64
N TRP A 212 9.21 15.61 5.21
CA TRP A 212 8.31 16.16 4.21
C TRP A 212 7.51 17.33 4.78
N ILE A 213 6.92 17.14 5.97
CA ILE A 213 6.15 18.20 6.62
C ILE A 213 7.00 19.45 6.80
N ARG A 214 8.23 19.28 7.30
CA ARG A 214 9.04 20.44 7.66
C ARG A 214 9.72 21.08 6.47
N TYR A 215 10.28 20.27 5.56
CA TYR A 215 11.18 20.77 4.53
C TYR A 215 10.74 20.47 3.10
N HIS A 216 9.66 19.71 2.90
CA HIS A 216 9.25 19.32 1.55
C HIS A 216 10.39 18.61 0.81
N ARG A 217 11.11 17.74 1.53
CA ARG A 217 12.20 16.94 1.00
C ARG A 217 12.21 15.59 1.71
N TYR A 218 12.38 14.52 0.95
CA TYR A 218 12.53 13.20 1.56
C TYR A 218 13.31 12.30 0.62
N HIS A 219 13.88 11.24 1.18
CA HIS A 219 14.47 10.17 0.40
C HIS A 219 13.55 8.96 0.45
N GLY A 220 13.60 8.15 -0.61
CA GLY A 220 12.49 7.22 -0.86
C GLY A 220 12.37 6.13 0.18
N ARG A 221 13.49 5.46 0.49
CA ARG A 221 13.41 4.32 1.39
C ARG A 221 13.09 4.74 2.82
N SER A 222 13.74 5.78 3.32
CA SER A 222 13.48 6.18 4.69
C SER A 222 12.07 6.74 4.84
N ALA A 223 11.53 7.36 3.80
CA ALA A 223 10.14 7.79 3.85
C ALA A 223 9.19 6.58 3.85
N ALA A 224 9.53 5.54 3.06
CA ALA A 224 8.72 4.33 3.07
C ALA A 224 8.71 3.71 4.46
N VAL A 225 9.87 3.65 5.11
CA VAL A 225 9.96 3.04 6.44
C VAL A 225 9.10 3.81 7.45
N TRP A 226 9.10 5.14 7.36
CA TRP A 226 8.20 5.92 8.21
C TRP A 226 6.76 5.47 8.03
N SER A 227 6.28 5.38 6.78
CA SER A 227 4.88 5.02 6.58
C SER A 227 4.60 3.60 7.08
N LEU A 228 5.59 2.73 7.06
CA LEU A 228 5.42 1.39 7.60
C LEU A 228 5.31 1.40 9.12
N GLY A 229 6.00 2.32 9.79
CA GLY A 229 5.80 2.50 11.21
C GLY A 229 4.39 2.97 11.53
N ILE A 230 3.87 3.91 10.74
CA ILE A 230 2.49 4.36 10.91
C ILE A 230 1.54 3.19 10.73
N LEU A 231 1.79 2.38 9.70
CA LEU A 231 0.93 1.24 9.41
C LEU A 231 0.98 0.20 10.52
N LEU A 232 2.16 -0.07 11.07
CA LEU A 232 2.25 -1.07 12.13
C LEU A 232 1.52 -0.59 13.38
N TYR A 233 1.70 0.67 13.77
CA TYR A 233 0.93 1.23 14.87
C TYR A 233 -0.57 1.09 14.61
N ASP A 234 -1.00 1.39 13.40
CA ASP A 234 -2.40 1.28 13.02
C ASP A 234 -2.93 -0.13 13.26
N MET A 235 -2.15 -1.15 12.89
CA MET A 235 -2.56 -2.53 13.06
C MET A 235 -2.67 -2.91 14.54
N VAL A 236 -1.67 -2.56 15.36
CA VAL A 236 -1.69 -3.05 16.74
C VAL A 236 -2.46 -2.14 17.69
N CYS A 237 -2.79 -0.91 17.30
CA CYS A 237 -3.58 -0.03 18.17
C CYS A 237 -4.98 0.26 17.62
N GLY A 238 -5.26 -0.05 16.36
CA GLY A 238 -6.58 0.12 15.81
C GLY A 238 -6.82 1.46 15.14
N ASP A 239 -5.86 2.38 15.16
CA ASP A 239 -5.92 3.61 14.37
C ASP A 239 -4.52 4.20 14.34
N ILE A 240 -4.30 5.15 13.42
CA ILE A 240 -2.97 5.70 13.18
C ILE A 240 -2.59 6.60 14.36
N PRO A 241 -1.30 6.84 14.61
CA PRO A 241 -0.92 7.61 15.81
C PRO A 241 -1.10 9.11 15.66
N PHE A 242 -0.93 9.65 14.46
CA PHE A 242 -0.89 11.09 14.26
C PHE A 242 -1.99 11.54 13.31
N GLU A 243 -2.65 12.64 13.64
CA GLU A 243 -3.64 13.25 12.76
C GLU A 243 -3.26 14.66 12.31
N HIS A 244 -2.36 15.33 13.02
CA HIS A 244 -2.03 16.72 12.75
C HIS A 244 -0.53 16.85 12.51
N ASP A 245 -0.17 17.91 11.76
CA ASP A 245 1.22 18.17 11.45
C ASP A 245 2.09 18.22 12.71
N GLU A 246 1.60 18.89 13.75
CA GLU A 246 2.40 19.05 14.96
C GLU A 246 2.71 17.71 15.62
N GLU A 247 1.80 16.74 15.53
CA GLU A 247 2.08 15.41 16.07
C GLU A 247 3.12 14.67 15.23
N ILE A 248 3.03 14.79 13.90
CA ILE A 248 3.99 14.11 13.03
C ILE A 248 5.41 14.57 13.34
N ILE A 249 5.60 15.89 13.45
CA ILE A 249 6.95 16.37 13.65
C ILE A 249 7.37 16.31 15.12
N GLY A 250 6.41 16.17 16.05
CA GLY A 250 6.77 16.05 17.45
C GLY A 250 7.37 14.69 17.78
N GLY A 251 6.96 13.66 17.06
CA GLY A 251 7.60 12.36 17.16
C GLY A 251 7.47 11.69 18.50
N GLN A 252 6.40 11.95 19.24
CA GLN A 252 6.13 11.22 20.47
C GLN A 252 5.02 10.22 20.19
N VAL A 253 5.26 8.97 20.52
CA VAL A 253 4.35 7.88 20.21
C VAL A 253 3.74 7.42 21.54
N PHE A 254 2.48 7.79 21.75
CA PHE A 254 1.66 7.25 22.84
C PHE A 254 0.97 5.99 22.34
N PHE A 255 1.05 4.92 23.12
CA PHE A 255 0.38 3.67 22.82
C PHE A 255 -0.96 3.59 23.55
N ARG A 256 -2.05 3.54 22.78
CA ARG A 256 -3.40 3.54 23.29
C ARG A 256 -3.93 2.13 23.56
N GLN A 257 -3.20 1.11 23.15
CA GLN A 257 -3.54 -0.27 23.44
C GLN A 257 -2.32 -0.94 24.06
N ARG A 258 -2.55 -2.08 24.70
N ARG A 258 -2.54 -2.08 24.70
CA ARG A 258 -1.45 -2.90 25.21
CA ARG A 258 -1.45 -2.89 25.20
C ARG A 258 -0.66 -3.46 24.04
C ARG A 258 -0.67 -3.45 24.03
N VAL A 259 0.62 -3.12 23.97
CA VAL A 259 1.51 -3.57 22.90
C VAL A 259 2.81 -4.01 23.56
N SER A 260 3.33 -5.18 23.14
CA SER A 260 4.55 -5.70 23.74
C SER A 260 5.69 -4.69 23.59
N SER A 261 6.65 -4.76 24.51
CA SER A 261 7.80 -3.86 24.45
C SER A 261 8.61 -4.05 23.17
N GLU A 262 8.66 -5.27 22.63
CA GLU A 262 9.41 -5.49 21.40
C GLU A 262 8.73 -4.82 20.21
N CYS A 263 7.40 -4.94 20.13
CA CYS A 263 6.67 -4.27 19.05
C CYS A 263 6.76 -2.74 19.19
N GLN A 264 6.61 -2.22 20.41
CA GLN A 264 6.78 -0.78 20.66
C GLN A 264 8.15 -0.30 20.17
N HIS A 265 9.20 -1.07 20.46
CA HIS A 265 10.54 -0.67 20.05
C HIS A 265 10.66 -0.59 18.52
N LEU A 266 10.12 -1.57 17.81
CA LEU A 266 10.18 -1.55 16.34
C LEU A 266 9.42 -0.34 15.79
N ILE A 267 8.22 -0.10 16.31
CA ILE A 267 7.43 1.04 15.85
C ILE A 267 8.20 2.33 16.06
N ARG A 268 8.71 2.55 17.29
CA ARG A 268 9.41 3.79 17.58
C ARG A 268 10.65 3.94 16.72
N TRP A 269 11.31 2.83 16.39
CA TRP A 269 12.47 2.87 15.51
C TRP A 269 12.08 3.32 14.11
N CYS A 270 11.03 2.72 13.54
CA CYS A 270 10.54 3.14 12.23
C CYS A 270 10.13 4.62 12.22
N LEU A 271 9.63 5.13 13.35
CA LEU A 271 9.20 6.51 13.46
C LEU A 271 10.29 7.41 14.03
N ALA A 272 11.55 7.04 13.89
CA ALA A 272 12.62 7.95 14.30
C ALA A 272 12.48 9.27 13.53
N LEU A 273 12.63 10.39 14.25
CA LEU A 273 12.51 11.70 13.61
C LEU A 273 13.59 11.91 12.54
N ARG A 274 14.83 11.52 12.83
CA ARG A 274 15.90 11.66 11.83
C ARG A 274 15.82 10.50 10.85
N PRO A 275 15.67 10.77 9.54
CA PRO A 275 15.58 9.67 8.56
C PRO A 275 16.70 8.64 8.67
N SER A 276 17.93 9.10 8.87
CA SER A 276 19.07 8.19 8.97
C SER A 276 19.04 7.32 10.23
N ASP A 277 18.22 7.67 11.23
CA ASP A 277 18.04 6.84 12.41
C ASP A 277 17.01 5.72 12.21
N ARG A 278 16.30 5.69 11.09
CA ARG A 278 15.30 4.65 10.88
C ARG A 278 15.98 3.37 10.40
N PRO A 279 15.34 2.22 10.63
CA PRO A 279 15.91 0.95 10.16
C PRO A 279 15.77 0.77 8.66
N THR A 280 16.67 -0.03 8.09
CA THR A 280 16.48 -0.54 6.73
C THR A 280 15.46 -1.67 6.75
N PHE A 281 15.02 -2.09 5.55
CA PHE A 281 14.09 -3.22 5.49
C PHE A 281 14.70 -4.47 6.11
N GLU A 282 16.00 -4.68 5.90
CA GLU A 282 16.69 -5.83 6.47
C GLU A 282 16.64 -5.79 7.99
N GLU A 283 16.88 -4.62 8.58
CA GLU A 283 16.82 -4.49 10.02
C GLU A 283 15.40 -4.68 10.56
N ILE A 284 14.38 -4.27 9.80
CA ILE A 284 13.01 -4.54 10.23
C ILE A 284 12.75 -6.05 10.29
N GLN A 285 13.05 -6.76 9.21
CA GLN A 285 12.75 -8.18 9.16
C GLN A 285 13.65 -9.02 10.07
N ASN A 286 14.82 -8.52 10.44
CA ASN A 286 15.65 -9.15 11.46
C ASN A 286 15.25 -8.76 12.87
N HIS A 287 14.30 -7.85 13.06
CA HIS A 287 13.95 -7.43 14.40
C HIS A 287 13.37 -8.60 15.19
N PRO A 288 13.63 -8.68 16.50
CA PRO A 288 13.08 -9.78 17.31
C PRO A 288 11.56 -9.92 17.24
N TRP A 289 10.81 -8.82 17.19
CA TRP A 289 9.36 -8.93 17.12
C TRP A 289 8.88 -9.64 15.85
N MET A 290 9.68 -9.62 14.79
CA MET A 290 9.28 -10.14 13.49
C MET A 290 9.56 -11.64 13.31
N GLN A 291 10.15 -12.31 14.30
N GLN A 291 10.13 -12.28 14.32
CA GLN A 291 10.57 -13.68 14.06
CA GLN A 291 10.51 -13.69 14.23
C GLN A 291 9.41 -14.66 14.28
C GLN A 291 9.28 -14.59 14.13
N ASP A 292 9.50 -15.80 13.59
CA ASP A 292 8.50 -16.88 13.62
C ASP A 292 7.13 -16.44 13.06
N VAL A 293 7.15 -15.73 11.94
CA VAL A 293 5.91 -15.32 11.30
C VAL A 293 5.09 -16.55 10.88
N LEU A 294 3.76 -16.40 10.89
CA LEU A 294 2.90 -17.45 10.35
C LEU A 294 2.96 -17.46 8.82
N LEU A 295 2.71 -18.65 8.25
CA LEU A 295 2.51 -18.76 6.81
C LEU A 295 1.17 -18.12 6.44
N PRO A 296 1.00 -17.74 5.18
CA PRO A 296 -0.30 -17.16 4.78
C PRO A 296 -1.48 -18.10 5.02
N GLN A 297 -1.36 -19.39 4.69
CA GLN A 297 -2.51 -20.27 4.89
C GLN A 297 -2.80 -20.49 6.37
N GLU A 298 -1.77 -20.54 7.23
CA GLU A 298 -1.99 -20.58 8.67
C GLU A 298 -2.70 -19.32 9.14
N THR A 299 -2.32 -18.16 8.61
CA THR A 299 -2.96 -16.91 8.98
C THR A 299 -4.44 -16.94 8.66
N ALA A 300 -4.80 -17.43 7.47
CA ALA A 300 -6.21 -17.52 7.10
C ALA A 300 -6.97 -18.46 8.03
N GLU A 301 -6.44 -19.67 8.24
CA GLU A 301 -7.17 -20.66 9.02
C GLU A 301 -7.34 -20.23 10.47
N ILE A 302 -6.31 -19.61 11.05
CA ILE A 302 -6.37 -19.22 12.46
C ILE A 302 -7.21 -17.97 12.66
N HIS A 303 -7.05 -16.98 11.77
CA HIS A 303 -7.56 -15.63 12.02
C HIS A 303 -8.63 -15.16 11.07
N LEU A 304 -8.75 -15.73 9.87
CA LEU A 304 -9.64 -15.18 8.86
C LEU A 304 -10.82 -16.07 8.50
N HIS A 305 -10.67 -17.39 8.56
CA HIS A 305 -11.78 -18.26 8.20
C HIS A 305 -12.83 -18.30 9.30
N ARG B 2 -13.69 6.87 19.84
CA ARG B 2 -12.88 7.84 19.11
C ARG B 2 -13.05 7.67 17.58
N LYS B 3 -13.10 8.77 16.84
CA LYS B 3 -13.40 8.69 15.42
C LYS B 3 -12.20 8.19 14.62
N ARG B 4 -12.43 7.17 13.82
CA ARG B 4 -11.46 6.68 12.86
C ARG B 4 -11.95 6.99 11.46
N ARG B 5 -11.07 7.51 10.61
CA ARG B 5 -11.51 7.95 9.30
C ARG B 5 -10.45 7.64 8.25
N ARG B 6 -10.91 7.51 7.01
CA ARG B 6 -10.03 7.46 5.86
C ARG B 6 -9.45 8.84 5.60
N HIS B 7 -8.35 8.88 4.88
CA HIS B 7 -7.65 10.13 4.53
C HIS B 7 -7.35 10.15 3.03
N PRO B 8 -7.99 11.02 2.26
CA PRO B 8 -7.67 11.09 0.83
C PRO B 8 -6.20 11.38 0.58
N SER B 9 -5.72 10.91 -0.58
CA SER B 9 -4.39 11.22 -1.06
C SER B 9 -4.40 12.56 -1.78
N GLY B 10 -3.28 13.27 -1.72
CA GLY B 10 -3.14 14.53 -2.41
C GLY B 10 -3.12 15.76 -1.51
#